data_1OO0
#
_entry.id   1OO0
#
_cell.length_a   105.027
_cell.length_b   52.387
_cell.length_c   52.862
_cell.angle_alpha   90.00
_cell.angle_beta   104.90
_cell.angle_gamma   90.00
#
_symmetry.space_group_name_H-M   'C 1 2 1'
#
loop_
_entity.id
_entity.type
_entity.pdbx_description
1 polymer 'Mago nashi protein'
2 polymer CG8781-PA
3 non-polymer 'STRONTIUM ION'
4 non-polymer BETA-MERCAPTOETHANOL
5 non-polymer (4S)-2-METHYL-2,4-PENTANEDIOL
6 non-polymer GLYCEROL
7 water water
#
loop_
_entity_poly.entity_id
_entity_poly.type
_entity_poly.pdbx_seq_one_letter_code
_entity_poly.pdbx_strand_id
1 'polypeptide(L)'
;MSTEDFYLRYYVGHKGKFGHEFLEFEFRPDGKLRYANNSNYKNDTMIRKEAFVHQSVMEELKRIIIDSEIMQEDDLPWPP
PDRVGRQELEIVIGDEHISFTTSKTGSLVDVNRSKDPEGLRCFYYLVQDLKCLVFSLIGLHFKIKPI
;
A
2 'polypeptide(L)'
;AIHSYERVRNEDDDELEPGPQRSVEGWILFVTSIHEEAQEDEIQEKFCDYGEIKNIHLNLDRRTGFSKGYALVEYETHKQ
ALAAKEALNGAEIMGQTIQVDWCFVKGPKR
;
B
#
# COMPACT_ATOMS: atom_id res chain seq x y z
N GLU A 4 -13.48 -4.03 14.45
CA GLU A 4 -12.22 -4.75 14.79
C GLU A 4 -11.08 -3.76 14.79
N ASP A 5 -10.32 -3.76 15.88
CA ASP A 5 -9.19 -2.86 16.07
C ASP A 5 -8.15 -3.02 14.97
N PHE A 6 -7.60 -1.90 14.51
CA PHE A 6 -6.57 -1.93 13.46
C PHE A 6 -5.59 -0.75 13.52
N TYR A 7 -4.33 -1.06 13.22
CA TYR A 7 -3.27 -0.02 13.20
C TYR A 7 -2.09 -0.56 12.43
N LEU A 8 -1.38 0.30 11.68
CA LEU A 8 -0.22 -0.20 10.93
C LEU A 8 0.74 0.99 10.82
N ARG A 9 1.99 0.80 11.18
CA ARG A 9 2.97 1.86 11.04
C ARG A 9 4.25 1.18 10.62
N TYR A 10 4.96 1.79 9.65
CA TYR A 10 6.22 1.29 9.16
C TYR A 10 7.15 2.50 9.07
N TYR A 11 8.37 2.30 9.54
CA TYR A 11 9.43 3.31 9.52
C TYR A 11 10.70 2.69 9.02
N VAL A 12 11.45 3.43 8.19
CA VAL A 12 12.73 2.91 7.80
C VAL A 12 13.59 4.16 7.74
N GLY A 13 14.75 4.05 8.33
CA GLY A 13 15.63 5.21 8.34
C GLY A 13 17.04 4.75 8.20
N HIS A 14 17.91 5.60 7.68
CA HIS A 14 19.28 5.18 7.57
C HIS A 14 20.22 6.34 7.37
N LYS A 15 21.48 6.09 7.69
CA LYS A 15 22.54 7.06 7.56
C LYS A 15 23.37 6.48 6.43
N GLY A 16 23.21 7.03 5.23
CA GLY A 16 23.96 6.53 4.09
C GLY A 16 25.11 7.48 3.79
N LYS A 17 26.00 7.08 2.89
CA LYS A 17 27.15 7.91 2.53
C LYS A 17 26.74 9.35 2.19
N PHE A 18 25.57 9.50 1.59
CA PHE A 18 25.10 10.82 1.22
C PHE A 18 24.19 11.48 2.24
N GLY A 19 24.13 10.91 3.45
CA GLY A 19 23.31 11.48 4.51
C GLY A 19 22.04 10.69 4.88
N HIS A 20 21.39 11.13 5.96
CA HIS A 20 20.14 10.52 6.45
C HIS A 20 19.10 10.29 5.37
N GLU A 21 18.01 9.68 5.78
CA GLU A 21 16.97 9.35 4.85
C GLU A 21 15.99 8.64 5.77
N PHE A 22 14.70 8.93 5.61
CA PHE A 22 13.71 8.15 6.36
C PHE A 22 12.40 8.18 5.61
N LEU A 23 11.60 7.14 5.83
CA LEU A 23 10.28 7.04 5.25
C LEU A 23 9.45 6.48 6.38
N GLU A 24 8.25 7.02 6.59
CA GLU A 24 7.36 6.48 7.61
C GLU A 24 5.92 6.69 7.19
N PHE A 25 5.09 5.67 7.39
CA PHE A 25 3.66 5.84 7.08
C PHE A 25 2.88 5.10 8.16
N GLU A 26 1.63 5.52 8.33
CA GLU A 26 0.76 4.95 9.35
C GLU A 26 -0.69 4.94 8.86
N PHE A 27 -1.41 3.85 9.15
CA PHE A 27 -2.83 3.80 8.83
C PHE A 27 -3.48 3.63 10.20
N ARG A 28 -4.37 4.55 10.54
CA ARG A 28 -5.09 4.49 11.83
C ARG A 28 -6.46 3.86 11.66
N PRO A 29 -7.06 3.37 12.76
CA PRO A 29 -8.38 2.74 12.65
C PRO A 29 -9.48 3.59 12.00
N ASP A 30 -9.31 4.91 11.98
CA ASP A 30 -10.34 5.76 11.38
C ASP A 30 -10.16 5.98 9.87
N GLY A 31 -9.21 5.25 9.31
CA GLY A 31 -8.91 5.35 7.89
C GLY A 31 -7.89 6.43 7.57
N LYS A 32 -7.33 7.08 8.58
CA LYS A 32 -6.39 8.12 8.25
C LYS A 32 -5.03 7.57 7.88
N LEU A 33 -4.53 7.92 6.70
CA LEU A 33 -3.19 7.53 6.25
C LEU A 33 -2.32 8.76 6.45
N ARG A 34 -1.20 8.62 7.16
CA ARG A 34 -0.23 9.71 7.37
C ARG A 34 1.05 9.20 6.77
N TYR A 35 1.73 10.07 6.03
CA TYR A 35 2.91 9.67 5.28
C TYR A 35 4.00 10.74 5.30
N ALA A 36 5.24 10.32 5.53
CA ALA A 36 6.37 11.24 5.55
C ALA A 36 7.53 10.56 4.86
N ASN A 37 8.13 11.25 3.92
CA ASN A 37 9.23 10.59 3.25
C ASN A 37 10.23 11.62 2.95
N ASN A 38 11.41 11.42 3.51
CA ASN A 38 12.49 12.31 3.22
C ASN A 38 13.61 11.38 2.81
N SER A 39 13.44 10.75 1.65
CA SER A 39 14.44 9.81 1.12
C SER A 39 15.31 10.46 0.02
N ASN A 40 14.95 11.66 -0.43
CA ASN A 40 15.73 12.32 -1.49
C ASN A 40 16.61 13.39 -0.82
N TYR A 41 17.86 13.01 -0.63
CA TYR A 41 18.85 13.86 0.04
C TYR A 41 19.47 14.93 -0.82
N LYS A 42 19.01 15.05 -2.06
CA LYS A 42 19.52 16.04 -3.01
C LYS A 42 18.63 17.27 -2.96
N ASN A 43 17.67 17.25 -2.06
CA ASN A 43 16.82 18.40 -1.88
C ASN A 43 16.54 18.57 -0.39
N ASP A 44 16.23 19.80 -0.03
CA ASP A 44 16.04 20.14 1.37
C ASP A 44 14.60 20.06 1.83
N THR A 45 13.72 19.57 0.97
CA THR A 45 12.34 19.43 1.34
C THR A 45 12.04 17.99 1.77
N MET A 46 10.81 17.80 2.21
CA MET A 46 10.38 16.49 2.67
C MET A 46 8.98 16.32 2.14
N ILE A 47 8.51 15.08 2.04
CA ILE A 47 7.17 14.88 1.59
C ILE A 47 6.38 14.56 2.86
N ARG A 48 5.34 15.34 3.20
CA ARG A 48 4.52 15.00 4.36
C ARG A 48 3.06 15.22 4.00
N LYS A 49 2.30 14.12 3.94
CA LYS A 49 0.90 14.18 3.53
C LYS A 49 -0.01 13.31 4.40
N GLU A 50 -1.30 13.58 4.35
CA GLU A 50 -2.27 12.74 5.05
C GLU A 50 -3.55 12.75 4.25
N ALA A 51 -4.33 11.70 4.40
CA ALA A 51 -5.61 11.59 3.70
C ALA A 51 -6.39 10.50 4.37
N PHE A 52 -7.69 10.46 4.13
CA PHE A 52 -8.47 9.40 4.73
C PHE A 52 -8.76 8.47 3.59
N VAL A 53 -8.51 7.18 3.81
CA VAL A 53 -8.79 6.23 2.75
C VAL A 53 -10.11 5.51 3.03
N HIS A 54 -10.73 5.03 1.98
CA HIS A 54 -11.98 4.32 2.12
C HIS A 54 -11.76 3.00 2.86
N GLN A 55 -12.80 2.51 3.55
CA GLN A 55 -12.71 1.23 4.24
C GLN A 55 -12.26 0.09 3.33
N SER A 56 -12.51 0.16 2.02
CA SER A 56 -12.08 -0.97 1.17
C SER A 56 -10.55 -1.06 1.16
N VAL A 57 -9.91 0.09 1.30
CA VAL A 57 -8.44 0.18 1.33
C VAL A 57 -7.93 -0.46 2.60
N MET A 58 -8.57 -0.12 3.73
CA MET A 58 -8.17 -0.68 5.01
C MET A 58 -8.40 -2.19 4.96
N GLU A 59 -9.49 -2.62 4.32
CA GLU A 59 -9.72 -4.07 4.26
C GLU A 59 -8.66 -4.80 3.39
N GLU A 60 -8.27 -4.20 2.28
CA GLU A 60 -7.26 -4.85 1.43
C GLU A 60 -5.96 -4.91 2.21
N LEU A 61 -5.69 -3.86 2.98
CA LEU A 61 -4.47 -3.81 3.78
C LEU A 61 -4.45 -4.99 4.75
N LYS A 62 -5.55 -5.18 5.45
CA LYS A 62 -5.62 -6.30 6.38
C LYS A 62 -5.45 -7.61 5.62
N ARG A 63 -6.07 -7.70 4.44
CA ARG A 63 -5.98 -8.90 3.66
C ARG A 63 -4.53 -9.20 3.31
N ILE A 64 -3.80 -8.19 2.84
CA ILE A 64 -2.40 -8.38 2.49
C ILE A 64 -1.61 -8.81 3.72
N ILE A 65 -1.85 -8.17 4.87
CA ILE A 65 -1.12 -8.53 6.08
C ILE A 65 -1.45 -9.99 6.54
N ILE A 66 -2.72 -10.35 6.49
CA ILE A 66 -3.10 -11.70 6.91
C ILE A 66 -2.48 -12.71 5.99
N ASP A 67 -2.55 -12.46 4.71
CA ASP A 67 -2.03 -13.43 3.79
C ASP A 67 -0.53 -13.61 3.89
N SER A 68 0.18 -12.59 4.35
CA SER A 68 1.63 -12.70 4.45
C SER A 68 2.05 -13.59 5.57
N GLU A 69 1.15 -13.79 6.54
CA GLU A 69 1.50 -14.57 7.71
C GLU A 69 2.53 -13.86 8.61
N ILE A 70 2.76 -12.57 8.39
CA ILE A 70 3.71 -11.81 9.26
C ILE A 70 3.26 -11.81 10.74
N MET A 71 1.96 -11.78 10.98
CA MET A 71 1.44 -11.76 12.34
C MET A 71 1.92 -12.96 13.16
N GLN A 72 2.44 -14.00 12.51
CA GLN A 72 2.91 -15.16 13.26
C GLN A 72 4.43 -15.19 13.47
N GLU A 73 5.11 -14.20 12.89
CA GLU A 73 6.55 -14.07 12.97
C GLU A 73 7.00 -13.40 14.26
N ASP A 74 8.29 -13.49 14.55
CA ASP A 74 8.88 -12.89 15.75
C ASP A 74 10.27 -12.35 15.39
N ASP A 75 10.57 -11.13 15.79
CA ASP A 75 11.83 -10.55 15.42
C ASP A 75 13.01 -10.86 16.35
N LEU A 76 12.75 -11.64 17.40
CA LEU A 76 13.82 -11.95 18.37
C LEU A 76 15.10 -12.45 17.69
N PRO A 77 15.00 -13.43 16.78
CA PRO A 77 16.22 -13.89 16.14
C PRO A 77 16.70 -13.03 14.96
N TRP A 78 16.05 -11.90 14.73
CA TRP A 78 16.43 -11.05 13.58
C TRP A 78 17.58 -10.08 13.87
N PRO A 79 18.31 -9.63 12.82
CA PRO A 79 19.40 -8.71 13.16
C PRO A 79 18.79 -7.47 13.78
N PRO A 80 19.45 -6.94 14.80
CA PRO A 80 18.94 -5.74 15.46
C PRO A 80 19.22 -4.50 14.66
N PRO A 81 18.53 -3.39 14.95
CA PRO A 81 18.80 -2.16 14.20
C PRO A 81 20.23 -1.78 14.57
N ASP A 82 20.93 -1.07 13.69
CA ASP A 82 22.31 -0.68 13.98
C ASP A 82 22.54 0.80 13.71
N ARG A 83 23.74 1.28 13.98
CA ARG A 83 24.02 2.69 13.78
C ARG A 83 23.86 3.14 12.33
N VAL A 84 23.63 2.19 11.41
CA VAL A 84 23.45 2.52 10.00
C VAL A 84 22.02 2.44 9.42
N GLY A 85 21.18 1.56 9.96
CA GLY A 85 19.85 1.45 9.42
C GLY A 85 18.92 0.88 10.46
N ARG A 86 17.62 1.10 10.27
CA ARG A 86 16.61 0.61 11.20
C ARG A 86 15.28 0.52 10.50
N GLN A 87 14.55 -0.55 10.76
CA GLN A 87 13.20 -0.66 10.22
C GLN A 87 12.34 -0.98 11.39
N GLU A 88 11.12 -0.44 11.41
CA GLU A 88 10.15 -0.72 12.47
C GLU A 88 8.85 -1.00 11.77
N LEU A 89 8.14 -2.03 12.24
CA LEU A 89 6.85 -2.38 11.67
C LEU A 89 5.94 -2.68 12.87
N GLU A 90 4.81 -1.99 12.98
CA GLU A 90 3.86 -2.23 14.08
C GLU A 90 2.52 -2.47 13.49
N ILE A 91 1.85 -3.52 13.96
CA ILE A 91 0.54 -3.79 13.41
C ILE A 91 -0.39 -4.29 14.54
N VAL A 92 -1.64 -3.83 14.51
CA VAL A 92 -2.67 -4.35 15.40
C VAL A 92 -3.80 -4.84 14.48
N ILE A 93 -4.22 -6.08 14.64
CA ILE A 93 -5.37 -6.55 13.88
C ILE A 93 -6.22 -7.30 14.88
N GLY A 94 -7.37 -6.73 15.21
CA GLY A 94 -8.26 -7.34 16.18
C GLY A 94 -7.54 -7.49 17.51
N ASP A 95 -7.36 -8.74 17.93
CA ASP A 95 -6.70 -9.08 19.18
C ASP A 95 -5.18 -9.14 19.07
N GLU A 96 -4.69 -9.52 17.90
CA GLU A 96 -3.26 -9.68 17.65
C GLU A 96 -2.50 -8.40 17.36
N HIS A 97 -1.32 -8.29 17.94
CA HIS A 97 -0.45 -7.14 17.78
C HIS A 97 0.99 -7.64 17.61
N ILE A 98 1.80 -6.90 16.87
CA ILE A 98 3.21 -7.26 16.68
C ILE A 98 3.96 -5.93 16.53
N SER A 99 5.23 -5.94 16.88
CA SER A 99 6.11 -4.78 16.78
C SER A 99 7.49 -5.34 16.53
N PHE A 100 7.98 -5.14 15.31
CA PHE A 100 9.31 -5.63 14.98
C PHE A 100 10.24 -4.45 14.76
N THR A 101 11.51 -4.66 15.09
CA THR A 101 12.52 -3.62 14.89
C THR A 101 13.73 -4.39 14.43
N THR A 102 14.33 -3.99 13.31
CA THR A 102 15.47 -4.70 12.76
C THR A 102 16.36 -3.72 11.99
N SER A 103 17.36 -4.24 11.30
CA SER A 103 18.29 -3.38 10.54
C SER A 103 17.70 -3.13 9.14
N LYS A 104 18.42 -2.41 8.29
CA LYS A 104 17.93 -2.29 6.92
C LYS A 104 18.10 -3.68 6.31
N THR A 105 17.14 -4.11 5.49
CA THR A 105 17.20 -5.44 4.89
C THR A 105 18.41 -5.60 3.96
N GLY A 106 19.23 -6.62 4.23
CA GLY A 106 20.41 -6.86 3.41
C GLY A 106 20.12 -7.63 2.12
N SER A 107 21.14 -8.34 1.64
CA SER A 107 21.01 -9.08 0.40
C SER A 107 20.39 -10.48 0.53
N LEU A 108 20.16 -11.10 -0.63
CA LEU A 108 19.63 -12.44 -0.74
C LEU A 108 20.57 -13.31 0.09
N VAL A 109 21.85 -12.97 -0.03
CA VAL A 109 22.94 -13.67 0.65
C VAL A 109 22.84 -13.52 2.17
N ASP A 110 22.67 -12.30 2.64
CA ASP A 110 22.57 -12.02 4.07
C ASP A 110 21.37 -12.71 4.69
N VAL A 111 20.22 -12.53 4.09
CA VAL A 111 19.00 -13.13 4.58
C VAL A 111 19.11 -14.65 4.60
N ASN A 112 19.68 -15.22 3.55
CA ASN A 112 19.82 -16.67 3.51
C ASN A 112 20.70 -17.27 4.60
N ARG A 113 21.64 -16.47 5.09
CA ARG A 113 22.55 -16.89 6.15
C ARG A 113 22.09 -16.43 7.55
N SER A 114 20.98 -15.70 7.63
CA SER A 114 20.49 -15.22 8.92
C SER A 114 19.91 -16.37 9.74
N LYS A 115 19.50 -16.07 10.97
CA LYS A 115 18.90 -17.09 11.82
C LYS A 115 17.49 -17.48 11.37
N ASP A 116 16.83 -16.58 10.64
CA ASP A 116 15.47 -16.86 10.22
C ASP A 116 15.24 -16.32 8.81
N PRO A 117 15.76 -17.02 7.80
CA PRO A 117 15.60 -16.57 6.41
C PRO A 117 14.16 -16.50 5.98
N GLU A 118 13.35 -17.45 6.44
CA GLU A 118 11.95 -17.45 6.02
C GLU A 118 11.19 -16.24 6.57
N GLY A 119 11.38 -15.96 7.85
CA GLY A 119 10.73 -14.83 8.47
C GLY A 119 11.23 -13.51 7.88
N LEU A 120 12.53 -13.39 7.61
CA LEU A 120 13.06 -12.14 7.06
C LEU A 120 12.57 -11.89 5.64
N ARG A 121 12.43 -12.97 4.85
CA ARG A 121 11.89 -12.82 3.49
C ARG A 121 10.42 -12.39 3.58
N CYS A 122 9.67 -13.02 4.48
CA CYS A 122 8.27 -12.67 4.68
C CYS A 122 8.15 -11.17 4.99
N PHE A 123 9.03 -10.68 5.85
CA PHE A 123 9.07 -9.27 6.27
C PHE A 123 9.41 -8.36 5.08
N TYR A 124 10.42 -8.74 4.32
CA TYR A 124 10.84 -7.99 3.13
C TYR A 124 9.71 -7.84 2.13
N TYR A 125 9.08 -8.96 1.71
CA TYR A 125 8.04 -8.86 0.71
C TYR A 125 6.82 -8.13 1.22
N LEU A 126 6.48 -8.30 2.50
CA LEU A 126 5.31 -7.57 3.01
C LEU A 126 5.61 -6.07 2.95
N VAL A 127 6.79 -5.67 3.44
CA VAL A 127 7.10 -4.25 3.41
C VAL A 127 7.07 -3.71 1.98
N GLN A 128 7.60 -4.46 1.04
CA GLN A 128 7.59 -3.98 -0.34
C GLN A 128 6.15 -3.88 -0.81
N ASP A 129 5.28 -4.84 -0.47
CA ASP A 129 3.90 -4.75 -0.93
C ASP A 129 3.16 -3.55 -0.30
N LEU A 130 3.42 -3.28 0.96
CA LEU A 130 2.81 -2.14 1.63
C LEU A 130 3.33 -0.84 0.99
N LYS A 131 4.62 -0.76 0.76
CA LYS A 131 5.16 0.41 0.09
C LYS A 131 4.46 0.66 -1.31
N CYS A 132 4.32 -0.39 -2.13
CA CYS A 132 3.66 -0.18 -3.44
C CYS A 132 2.28 0.41 -3.24
N LEU A 133 1.50 -0.15 -2.30
CA LEU A 133 0.16 0.39 -2.07
C LEU A 133 0.22 1.85 -1.59
N VAL A 134 1.09 2.12 -0.62
CA VAL A 134 1.19 3.49 -0.11
C VAL A 134 1.67 4.45 -1.18
N PHE A 135 2.70 4.07 -1.94
CA PHE A 135 3.21 4.96 -2.98
C PHE A 135 2.15 5.31 -4.01
N SER A 136 1.33 4.30 -4.39
CA SER A 136 0.24 4.50 -5.34
C SER A 136 -0.81 5.45 -4.76
N LEU A 137 -1.15 5.24 -3.51
CA LEU A 137 -2.17 6.08 -2.92
C LEU A 137 -1.73 7.54 -2.87
N ILE A 138 -0.52 7.76 -2.33
CA ILE A 138 -0.02 9.14 -2.15
C ILE A 138 0.21 9.75 -3.50
N GLY A 139 0.92 9.02 -4.34
CA GLY A 139 1.25 9.48 -5.67
C GLY A 139 0.09 9.92 -6.53
N LEU A 140 -0.95 9.10 -6.65
CA LEU A 140 -2.09 9.45 -7.51
C LEU A 140 -3.00 10.46 -6.84
N HIS A 141 -3.19 10.34 -5.54
CA HIS A 141 -4.06 11.27 -4.86
C HIS A 141 -3.53 12.70 -4.83
N PHE A 142 -2.21 12.85 -4.68
CA PHE A 142 -1.62 14.19 -4.60
C PHE A 142 -0.94 14.63 -5.85
N LYS A 143 -0.87 13.71 -6.81
CA LYS A 143 -0.22 13.97 -8.09
C LYS A 143 1.20 14.43 -7.87
N ILE A 144 1.92 13.72 -7.00
CA ILE A 144 3.31 14.01 -6.71
C ILE A 144 4.07 12.71 -6.71
N LYS A 145 5.37 12.85 -6.92
CA LYS A 145 6.23 11.70 -6.86
C LYS A 145 6.22 11.43 -5.35
N PRO A 146 6.11 10.15 -4.94
CA PRO A 146 6.09 9.88 -3.49
C PRO A 146 7.47 9.71 -2.87
N ILE A 147 8.40 9.42 -3.78
CA ILE A 147 9.82 9.14 -3.58
C ILE A 147 10.25 8.82 -2.17
N PRO B 18 -17.66 8.26 5.56
CA PRO B 18 -17.92 9.58 4.95
C PRO B 18 -18.10 9.47 3.45
N GLY B 19 -18.12 10.63 2.78
CA GLY B 19 -18.30 10.68 1.34
C GLY B 19 -17.04 10.81 0.50
N PRO B 20 -17.14 10.60 -0.81
CA PRO B 20 -16.00 10.69 -1.71
C PRO B 20 -15.22 11.99 -1.72
N GLN B 21 -13.90 11.81 -1.62
CA GLN B 21 -12.93 12.89 -1.64
C GLN B 21 -12.21 12.80 -2.97
N ARG B 22 -12.32 13.86 -3.74
CA ARG B 22 -11.70 13.97 -5.04
C ARG B 22 -10.19 14.09 -4.81
N SER B 23 -9.38 13.68 -5.77
CA SER B 23 -7.94 13.80 -5.59
C SER B 23 -7.55 15.08 -6.31
N VAL B 24 -6.26 15.35 -6.42
CA VAL B 24 -5.81 16.59 -7.04
C VAL B 24 -6.41 16.90 -8.41
N GLU B 25 -6.27 16.00 -9.37
CA GLU B 25 -6.81 16.24 -10.71
C GLU B 25 -7.76 15.12 -11.18
N GLY B 26 -8.59 14.61 -10.27
CA GLY B 26 -9.49 13.52 -10.65
C GLY B 26 -10.17 12.77 -9.50
N TRP B 27 -10.85 11.69 -9.85
CA TRP B 27 -11.53 10.91 -8.85
C TRP B 27 -11.03 9.50 -8.99
N ILE B 28 -10.60 8.94 -7.87
CA ILE B 28 -10.00 7.62 -7.86
C ILE B 28 -10.84 6.57 -7.18
N LEU B 29 -11.00 5.44 -7.87
CA LEU B 29 -11.74 4.32 -7.33
C LEU B 29 -10.69 3.25 -6.91
N PHE B 30 -11.05 2.45 -5.92
CA PHE B 30 -10.22 1.36 -5.41
C PHE B 30 -10.94 0.09 -5.80
N VAL B 31 -10.28 -0.71 -6.64
CA VAL B 31 -10.84 -1.96 -7.11
C VAL B 31 -10.18 -3.14 -6.39
N THR B 32 -11.00 -4.05 -5.87
CA THR B 32 -10.48 -5.19 -5.12
C THR B 32 -11.03 -6.51 -5.62
N SER B 33 -10.44 -7.60 -5.14
CA SER B 33 -10.81 -8.96 -5.53
C SER B 33 -10.60 -9.15 -7.05
N ILE B 34 -9.47 -8.67 -7.56
CA ILE B 34 -9.13 -8.82 -8.97
C ILE B 34 -8.35 -10.11 -9.18
N HIS B 35 -8.78 -10.89 -10.17
CA HIS B 35 -8.12 -12.15 -10.47
C HIS B 35 -6.62 -11.89 -10.54
N GLU B 36 -5.83 -12.79 -9.98
CA GLU B 36 -4.35 -12.63 -9.94
C GLU B 36 -3.71 -12.62 -11.33
N GLU B 37 -4.37 -13.26 -12.29
CA GLU B 37 -3.84 -13.29 -13.66
C GLU B 37 -4.34 -12.13 -14.51
N ALA B 38 -5.14 -11.23 -13.94
CA ALA B 38 -5.61 -10.14 -14.73
C ALA B 38 -4.46 -9.17 -14.95
N GLN B 39 -4.52 -8.44 -16.05
CA GLN B 39 -3.48 -7.45 -16.34
C GLN B 39 -4.16 -6.13 -16.68
N GLU B 40 -3.37 -5.08 -16.98
CA GLU B 40 -3.96 -3.79 -17.23
C GLU B 40 -5.05 -3.89 -18.29
N ASP B 41 -4.85 -4.77 -19.27
CA ASP B 41 -5.83 -5.00 -20.33
C ASP B 41 -7.22 -5.25 -19.78
N GLU B 42 -7.31 -6.22 -18.87
CA GLU B 42 -8.56 -6.58 -18.26
C GLU B 42 -9.25 -5.37 -17.64
N ILE B 43 -8.48 -4.55 -16.92
CA ILE B 43 -9.01 -3.35 -16.25
C ILE B 43 -9.48 -2.31 -17.26
N GLN B 44 -8.65 -2.06 -18.27
CA GLN B 44 -8.97 -1.14 -19.33
C GLN B 44 -10.28 -1.57 -20.02
N GLU B 45 -10.34 -2.82 -20.44
CA GLU B 45 -11.52 -3.33 -21.10
C GLU B 45 -12.83 -3.10 -20.32
N LYS B 46 -12.80 -3.29 -19.01
CA LYS B 46 -14.00 -3.13 -18.22
C LYS B 46 -14.35 -1.70 -17.85
N PHE B 47 -13.33 -0.89 -17.65
CA PHE B 47 -13.51 0.49 -17.20
C PHE B 47 -13.58 1.63 -18.22
N CYS B 48 -12.98 1.47 -19.40
CA CYS B 48 -12.99 2.58 -20.36
C CYS B 48 -14.37 3.11 -20.81
N ASP B 49 -15.33 2.21 -20.93
CA ASP B 49 -16.67 2.61 -21.34
C ASP B 49 -17.23 3.76 -20.52
N TYR B 50 -16.91 3.79 -19.24
CA TYR B 50 -17.49 4.82 -18.38
C TYR B 50 -16.79 6.17 -18.29
N GLY B 51 -15.72 6.36 -19.05
CA GLY B 51 -15.02 7.63 -19.01
C GLY B 51 -13.59 7.50 -19.45
N GLU B 52 -12.86 8.62 -19.57
CA GLU B 52 -11.47 8.51 -19.98
C GLU B 52 -10.69 8.20 -18.71
N ILE B 53 -9.85 7.18 -18.80
CA ILE B 53 -9.07 6.79 -17.66
C ILE B 53 -7.73 7.47 -17.67
N LYS B 54 -7.51 8.31 -16.67
CA LYS B 54 -6.25 9.02 -16.51
C LYS B 54 -5.10 8.14 -16.02
N ASN B 55 -5.41 7.18 -15.15
CA ASN B 55 -4.34 6.35 -14.60
C ASN B 55 -4.88 5.04 -14.11
N ILE B 56 -4.08 3.98 -14.23
CA ILE B 56 -4.46 2.69 -13.68
C ILE B 56 -3.20 2.18 -12.98
N HIS B 57 -3.29 1.87 -11.70
CA HIS B 57 -2.15 1.25 -11.02
C HIS B 57 -2.68 -0.11 -10.65
N LEU B 58 -2.24 -1.15 -11.33
CA LEU B 58 -2.64 -2.51 -11.02
C LEU B 58 -1.29 -3.04 -10.59
N ASN B 59 -1.00 -2.88 -9.30
CA ASN B 59 0.31 -3.29 -8.77
C ASN B 59 0.53 -4.78 -8.72
N LEU B 60 1.74 -5.17 -9.08
CA LEU B 60 2.13 -6.57 -9.06
C LEU B 60 2.64 -6.98 -7.67
N ASP B 61 2.30 -8.21 -7.23
CA ASP B 61 2.76 -8.78 -5.95
C ASP B 61 4.31 -8.80 -6.08
N ARG B 62 5.03 -8.26 -5.10
CA ARG B 62 6.50 -8.15 -5.21
C ARG B 62 7.29 -9.45 -5.15
N ARG B 63 6.63 -10.54 -4.80
CA ARG B 63 7.31 -11.81 -4.77
C ARG B 63 6.96 -12.64 -6.02
N THR B 64 5.67 -12.61 -6.42
CA THR B 64 5.20 -13.42 -7.53
C THR B 64 5.16 -12.85 -8.98
N GLY B 65 4.90 -11.55 -9.12
CA GLY B 65 4.84 -10.99 -10.47
C GLY B 65 3.42 -11.02 -11.02
N PHE B 66 2.50 -11.57 -10.24
CA PHE B 66 1.06 -11.62 -10.60
C PHE B 66 0.44 -10.30 -10.12
N SER B 67 -0.82 -10.03 -10.44
CA SER B 67 -1.45 -8.82 -9.94
C SER B 67 -1.67 -9.11 -8.45
N LYS B 68 -1.53 -8.11 -7.59
CA LYS B 68 -1.67 -8.31 -6.16
C LYS B 68 -3.16 -8.37 -5.73
N GLY B 69 -4.07 -8.02 -6.61
CA GLY B 69 -5.50 -8.15 -6.22
C GLY B 69 -6.27 -6.84 -6.12
N TYR B 70 -5.57 -5.72 -6.29
CA TYR B 70 -6.28 -4.43 -6.22
C TYR B 70 -5.77 -3.45 -7.28
N ALA B 71 -6.54 -2.40 -7.52
CA ALA B 71 -6.11 -1.40 -8.51
C ALA B 71 -6.72 -0.06 -8.15
N LEU B 72 -6.04 1.00 -8.51
CA LEU B 72 -6.56 2.34 -8.33
C LEU B 72 -6.90 2.67 -9.79
N VAL B 73 -8.09 3.20 -10.02
CA VAL B 73 -8.51 3.58 -11.36
C VAL B 73 -8.98 5.02 -11.24
N GLU B 74 -8.36 5.92 -11.98
CA GLU B 74 -8.71 7.33 -11.87
C GLU B 74 -9.43 7.89 -13.11
N TYR B 75 -10.56 8.55 -12.85
CA TYR B 75 -11.36 9.20 -13.90
C TYR B 75 -11.25 10.72 -13.75
N GLU B 76 -11.45 11.43 -14.87
CA GLU B 76 -11.38 12.89 -14.89
C GLU B 76 -12.51 13.59 -14.09
N THR B 77 -13.69 12.97 -14.02
CA THR B 77 -14.84 13.57 -13.33
C THR B 77 -15.56 12.64 -12.36
N HIS B 78 -16.32 13.23 -11.46
CA HIS B 78 -17.08 12.47 -10.47
C HIS B 78 -18.20 11.68 -11.15
N LYS B 79 -18.69 12.24 -12.27
CA LYS B 79 -19.74 11.60 -13.06
C LYS B 79 -19.24 10.23 -13.53
N GLN B 80 -18.11 10.24 -14.23
CA GLN B 80 -17.49 9.02 -14.77
C GLN B 80 -17.20 7.97 -13.70
N ALA B 81 -16.58 8.40 -12.61
CA ALA B 81 -16.20 7.48 -11.55
C ALA B 81 -17.44 6.83 -10.93
N LEU B 82 -18.49 7.62 -10.71
CA LEU B 82 -19.71 7.08 -10.12
C LEU B 82 -20.40 6.15 -11.13
N ALA B 83 -20.34 6.49 -12.41
CA ALA B 83 -20.97 5.62 -13.40
C ALA B 83 -20.31 4.23 -13.31
N ALA B 84 -18.98 4.22 -13.40
CA ALA B 84 -18.19 2.99 -13.32
C ALA B 84 -18.47 2.20 -12.05
N LYS B 85 -18.45 2.91 -10.93
CA LYS B 85 -18.70 2.34 -9.60
C LYS B 85 -19.94 1.49 -9.56
N GLU B 86 -21.06 2.10 -9.93
CA GLU B 86 -22.36 1.44 -9.91
C GLU B 86 -22.47 0.35 -10.97
N ALA B 87 -21.79 0.55 -12.09
CA ALA B 87 -21.81 -0.43 -13.16
C ALA B 87 -20.88 -1.62 -12.92
N LEU B 88 -19.72 -1.38 -12.29
CA LEU B 88 -18.75 -2.44 -12.08
C LEU B 88 -18.65 -3.12 -10.71
N ASN B 89 -19.12 -2.48 -9.65
CA ASN B 89 -19.07 -3.17 -8.37
C ASN B 89 -19.93 -4.40 -8.57
N GLY B 90 -19.45 -5.57 -8.16
CA GLY B 90 -20.21 -6.78 -8.32
C GLY B 90 -20.08 -7.50 -9.66
N ALA B 91 -19.39 -6.90 -10.62
CA ALA B 91 -19.15 -7.55 -11.92
C ALA B 91 -18.02 -8.60 -11.81
N GLU B 92 -17.64 -9.22 -12.92
CA GLU B 92 -16.59 -10.22 -12.84
C GLU B 92 -15.55 -10.08 -13.90
N ILE B 93 -14.34 -10.43 -13.52
CA ILE B 93 -13.22 -10.41 -14.45
C ILE B 93 -12.65 -11.78 -14.31
N MET B 94 -12.68 -12.51 -15.41
CA MET B 94 -12.12 -13.82 -15.38
C MET B 94 -12.80 -14.78 -14.40
N GLY B 95 -14.10 -14.53 -14.18
CA GLY B 95 -14.88 -15.39 -13.30
C GLY B 95 -14.80 -15.05 -11.83
N GLN B 96 -14.05 -13.99 -11.50
CA GLN B 96 -13.89 -13.59 -10.11
C GLN B 96 -14.61 -12.26 -9.92
N THR B 97 -15.49 -12.20 -8.93
CA THR B 97 -16.25 -10.99 -8.70
C THR B 97 -15.41 -9.89 -8.09
N ILE B 98 -15.40 -8.71 -8.71
CA ILE B 98 -14.62 -7.59 -8.20
C ILE B 98 -15.51 -6.65 -7.42
N GLN B 99 -14.90 -5.83 -6.56
CA GLN B 99 -15.67 -4.82 -5.82
C GLN B 99 -15.05 -3.50 -6.24
N VAL B 100 -15.88 -2.47 -6.36
CA VAL B 100 -15.42 -1.14 -6.76
C VAL B 100 -15.94 -0.11 -5.79
N ASP B 101 -15.01 0.64 -5.21
CA ASP B 101 -15.34 1.65 -4.20
C ASP B 101 -14.56 2.92 -4.44
N TRP B 102 -14.92 3.96 -3.68
CA TRP B 102 -14.19 5.22 -3.77
C TRP B 102 -12.88 4.86 -3.11
N CYS B 103 -11.81 5.52 -3.50
CA CYS B 103 -10.51 5.25 -2.88
C CYS B 103 -10.30 6.14 -1.65
N PHE B 104 -10.74 7.39 -1.72
CA PHE B 104 -10.55 8.31 -0.62
C PHE B 104 -11.88 8.86 -0.10
N VAL B 105 -11.97 9.14 1.20
CA VAL B 105 -13.17 9.70 1.80
C VAL B 105 -12.87 11.04 2.47
N LYS B 106 -13.91 11.80 2.79
CA LYS B 106 -13.68 13.11 3.38
C LYS B 106 -13.31 13.20 4.85
N GLY B 107 -13.81 12.30 5.68
CA GLY B 107 -13.47 12.39 7.09
C GLY B 107 -13.23 11.07 7.78
N PRO B 108 -12.94 11.09 9.09
CA PRO B 108 -12.67 9.92 9.93
C PRO B 108 -13.77 8.88 10.14
N LYS B 109 -13.42 7.88 10.94
CA LYS B 109 -14.29 6.75 11.29
C LYS B 109 -15.11 6.20 10.14
#